data_2N3R
#
_entry.id   2N3R
#
_cell.length_a   1.000
_cell.length_b   1.000
_cell.length_c   1.000
_cell.angle_alpha   90.00
_cell.angle_beta   90.00
_cell.angle_gamma   90.00
#
_symmetry.space_group_name_H-M   'P 1'
#
loop_
_entity.id
_entity.type
_entity.pdbx_description
1 polymer 'RNA (62-MER)'
2 non-polymer 'MAGNESIUM ION'
3 water water
#
_entity_poly.entity_id   1
_entity_poly.type   'polyribonucleotide'
_entity_poly.pdbx_seq_one_letter_code
;GCAGCAGGGAACUCACGCUUGCGUAGAGGCUAAGUGCUUCGGCACAGCACAAGCCCGCUGCG
;
_entity_poly.pdbx_strand_id   A
#